data_3N9Q
#
_entry.id   3N9Q
#
_cell.length_a   69.145
_cell.length_b   87.482
_cell.length_c   102.814
_cell.angle_alpha   90.00
_cell.angle_beta   90.00
_cell.angle_gamma   90.00
#
_symmetry.space_group_name_H-M   'P 21 21 21'
#
loop_
_entity.id
_entity.type
_entity.pdbx_description
1 polymer 'Putative uncharacterized protein'
2 polymer 'Histone H3 peptide'
3 polymer 'Histone H3 peptide'
4 non-polymer 'FE (II) ION'
5 non-polymer 'ZINC ION'
6 non-polymer N-OXALYLGLYCINE
7 water water
#
loop_
_entity_poly.entity_id
_entity_poly.type
_entity_poly.pdbx_seq_one_letter_code
_entity_poly.pdbx_strand_id
1 'polypeptide(L)'
;EFHMEQKTPKESDRCGGCGKFTHEDDLIALEEEKKKEKEKPLMSKKKSHHHKKNDFQWIGCDSCQTWYHFLCSGLEQFEY
YLYEKFFCPKCVPHTGHSIRYKVVAPHRYRWYSPNEKHLGIEVGSKTWIEDFITRENTVPSPTDDEVCIVEDGYEFRREF
EKLGGADNWGKVFMVKDMDGLNMTMPKPGFDLEDVVKIMGSDYEVDTIDVYNQSTYSMKLDTFRKLFRDTKNRPLLYNFL
SLEFSDNNEMKEIAKPPRFVQEISMVNRLWPDVSGAEYIKLLQREEYLPEDQRPKVEQFCLAGMAGSYTDFHVDFGGSSV
YYHILKGEKIFYIAAPTEQNFAAYQAHETSPDTTTWFGDIANGAVKRVVIKEGQTLLIPAGWIHAVLTPVDSLVFGGNFL
HLGNLEMQMRVYHLENAIRKEIRSEEKFYFPNFELLHWMYMRNVLLEKITEANQEGSDMREQEKNIWTASQIMKAEMERW
MDRELRLGPEKNAILPTDDKNKIMISVRKQIEIQTKIQNAKNKPMGLK
;
A
2 'polypeptide(L)' ART(M3L)QTARKSTGGKA B
3 'polypeptide(L)' QLATKAAR(MLY)SAPASGGV C
#
# COMPACT_ATOMS: atom_id res chain seq x y z
N PRO A 9 41.81 15.87 6.33
CA PRO A 9 40.48 15.85 6.95
C PRO A 9 40.36 16.94 8.01
N LYS A 10 39.68 18.04 7.69
CA LYS A 10 39.57 19.17 8.61
C LYS A 10 38.62 18.88 9.77
N GLU A 11 39.06 19.20 10.98
CA GLU A 11 38.27 18.93 12.18
C GLU A 11 36.85 19.46 12.06
N SER A 12 36.70 20.53 11.28
CA SER A 12 35.39 21.11 11.03
C SER A 12 34.43 20.06 10.48
N ASP A 13 34.95 19.19 9.62
CA ASP A 13 34.13 18.21 8.92
C ASP A 13 33.89 16.94 9.74
N ARG A 14 34.06 17.01 11.05
CA ARG A 14 33.78 15.87 11.92
C ARG A 14 32.42 16.03 12.57
N CYS A 15 31.62 14.97 12.53
CA CYS A 15 30.27 15.02 13.09
C CYS A 15 30.31 15.10 14.60
N GLY A 16 29.58 16.04 15.17
CA GLY A 16 29.43 16.13 16.61
C GLY A 16 28.62 14.95 17.11
N GLY A 17 28.81 13.80 16.48
CA GLY A 17 28.02 12.60 16.73
C GLY A 17 28.34 11.80 17.97
N CYS A 18 28.98 10.63 17.87
CA CYS A 18 29.53 10.02 16.64
C CYS A 18 30.87 10.52 16.10
N GLY A 19 31.24 11.76 16.43
CA GLY A 19 32.58 12.27 16.24
C GLY A 19 33.39 11.51 15.21
N LYS A 20 32.80 11.28 14.04
CA LYS A 20 33.50 10.63 12.93
C LYS A 20 33.34 11.45 11.64
N PHE A 21 34.12 11.10 10.62
CA PHE A 21 34.04 11.76 9.32
C PHE A 21 33.13 10.96 8.39
N THR A 22 32.92 9.69 8.75
CA THR A 22 32.01 8.82 8.01
C THR A 22 31.14 8.02 8.97
N HIS A 23 29.83 8.26 8.91
CA HIS A 23 28.87 7.47 9.66
C HIS A 23 29.14 6.00 9.37
N GLU A 24 28.87 5.12 10.33
CA GLU A 24 29.10 3.70 10.09
C GLU A 24 28.55 3.27 8.73
N ASP A 25 27.26 3.55 8.51
CA ASP A 25 26.58 3.19 7.27
C ASP A 25 27.30 3.71 6.02
N LYS A 52 16.45 5.31 9.85
CA LYS A 52 16.81 4.19 9.01
C LYS A 52 18.21 4.39 8.43
N LYS A 53 18.28 4.60 7.11
CA LYS A 53 19.56 4.82 6.45
C LYS A 53 20.00 6.28 6.54
N ASN A 54 21.15 6.53 7.17
CA ASN A 54 21.71 7.88 7.19
C ASN A 54 21.87 8.42 5.77
N ASP A 55 21.95 7.51 4.81
CA ASP A 55 22.42 7.84 3.50
C ASP A 55 23.78 8.47 3.77
N PHE A 56 24.09 9.55 3.08
CA PHE A 56 25.33 10.26 3.34
C PHE A 56 25.05 11.75 3.44
N GLN A 57 24.15 12.10 4.34
CA GLN A 57 23.68 13.48 4.46
C GLN A 57 23.94 14.08 5.83
N TRP A 58 24.28 15.36 5.83
CA TRP A 58 24.60 16.09 7.05
C TRP A 58 23.71 17.31 7.19
N ILE A 59 23.62 17.83 8.41
CA ILE A 59 22.98 19.11 8.67
C ILE A 59 23.86 19.90 9.63
N GLY A 60 24.03 21.19 9.36
CA GLY A 60 24.86 22.05 10.19
C GLY A 60 24.08 22.89 11.19
N CYS A 61 24.68 23.13 12.36
CA CYS A 61 24.05 23.95 13.40
C CYS A 61 24.18 25.44 13.10
N ASP A 62 23.10 26.17 13.23
CA ASP A 62 23.11 27.61 12.98
C ASP A 62 23.49 28.42 14.22
N SER A 63 24.19 27.76 15.14
CA SER A 63 24.74 28.43 16.31
C SER A 63 26.24 28.15 16.37
N CYS A 64 26.59 26.91 16.70
CA CYS A 64 27.98 26.54 16.89
C CYS A 64 28.63 26.18 15.56
N GLN A 65 27.82 26.09 14.50
CA GLN A 65 28.31 25.81 13.15
C GLN A 65 28.93 24.41 12.98
N THR A 66 28.81 23.54 13.97
CA THR A 66 29.33 22.19 13.79
C THR A 66 28.38 21.33 12.96
N TRP A 67 28.94 20.39 12.20
CA TRP A 67 28.18 19.52 11.30
C TRP A 67 27.79 18.20 11.97
N TYR A 68 26.57 17.76 11.70
CA TYR A 68 26.09 16.46 12.16
C TYR A 68 25.63 15.63 10.97
N HIS A 69 25.81 14.31 11.04
CA HIS A 69 25.13 13.43 10.11
C HIS A 69 23.66 13.48 10.48
N PHE A 70 22.78 13.51 9.48
CA PHE A 70 21.35 13.56 9.74
C PHE A 70 20.93 12.66 10.90
N LEU A 71 21.42 11.42 10.91
CA LEU A 71 21.09 10.48 11.99
C LEU A 71 21.64 10.92 13.34
N CYS A 72 22.79 11.60 13.34
CA CYS A 72 23.39 12.03 14.59
C CYS A 72 22.86 13.38 15.06
N SER A 73 21.98 13.98 14.26
CA SER A 73 21.53 15.35 14.52
C SER A 73 20.39 15.44 15.52
N GLY A 74 19.74 14.32 15.81
CA GLY A 74 18.56 14.33 16.67
C GLY A 74 17.25 14.57 15.92
N LEU A 75 17.32 14.96 14.65
CA LEU A 75 16.13 15.08 13.82
C LEU A 75 15.64 13.72 13.30
N GLU A 76 14.34 13.61 13.08
CA GLU A 76 13.80 12.49 12.33
C GLU A 76 13.52 12.95 10.91
N GLN A 77 13.39 12.01 9.98
CA GLN A 77 13.31 12.33 8.56
C GLN A 77 12.21 13.35 8.21
N PHE A 78 11.09 13.30 8.91
CA PHE A 78 9.98 14.18 8.58
C PHE A 78 10.30 15.65 8.86
N GLU A 79 11.38 15.86 9.61
CA GLU A 79 11.77 17.20 10.05
C GLU A 79 12.82 17.86 9.15
N TYR A 80 13.42 17.07 8.27
CA TYR A 80 14.55 17.58 7.48
C TYR A 80 14.30 18.88 6.71
N TYR A 81 13.06 19.18 6.36
CA TYR A 81 12.81 20.36 5.54
C TYR A 81 12.09 21.47 6.32
N LEU A 82 11.86 21.25 7.61
CA LEU A 82 10.95 22.09 8.39
C LEU A 82 11.60 23.36 8.94
N TYR A 83 12.91 23.29 9.22
CA TYR A 83 13.58 24.35 9.97
C TYR A 83 14.41 25.29 9.12
N GLU A 84 14.13 26.58 9.27
CA GLU A 84 14.90 27.63 8.62
C GLU A 84 16.22 27.82 9.37
N LYS A 85 16.15 27.70 10.68
CA LYS A 85 17.34 27.68 11.51
C LYS A 85 17.30 26.46 12.40
N PHE A 86 18.30 25.61 12.26
CA PHE A 86 18.43 24.40 13.06
C PHE A 86 19.38 24.65 14.22
N PHE A 87 18.93 24.36 15.43
CA PHE A 87 19.80 24.42 16.60
C PHE A 87 20.03 23.01 17.13
N CYS A 88 21.30 22.60 17.15
CA CYS A 88 21.65 21.25 17.56
C CYS A 88 21.29 21.08 19.03
N PRO A 89 21.22 19.82 19.49
CA PRO A 89 20.94 19.54 20.90
C PRO A 89 21.86 20.31 21.85
N LYS A 90 23.15 20.37 21.55
CA LYS A 90 24.12 21.06 22.42
C LYS A 90 23.88 22.56 22.52
N CYS A 91 23.21 23.14 21.52
CA CYS A 91 22.97 24.58 21.51
C CYS A 91 21.57 24.96 21.99
N VAL A 92 20.63 24.04 21.87
CA VAL A 92 19.23 24.34 22.18
C VAL A 92 19.01 24.99 23.55
N PRO A 93 19.67 24.49 24.60
CA PRO A 93 19.45 25.06 25.94
C PRO A 93 19.66 26.58 26.00
N HIS A 94 20.68 27.09 25.35
CA HIS A 94 20.96 28.52 25.39
C HIS A 94 20.42 29.27 24.17
N THR A 95 19.80 28.56 23.24
CA THR A 95 19.43 29.15 21.96
C THR A 95 17.94 29.06 21.67
N GLY A 96 17.28 28.05 22.25
CA GLY A 96 15.88 27.80 21.98
C GLY A 96 15.70 26.68 20.96
N HIS A 97 14.45 26.31 20.68
CA HIS A 97 14.15 25.30 19.67
C HIS A 97 14.51 25.77 18.28
N SER A 98 14.67 24.82 17.36
CA SER A 98 14.87 25.17 15.95
C SER A 98 13.69 26.01 15.49
N ILE A 99 13.94 26.95 14.60
CA ILE A 99 12.84 27.77 14.09
C ILE A 99 12.38 27.26 12.74
N ARG A 100 11.09 26.96 12.62
CA ARG A 100 10.55 26.48 11.35
C ARG A 100 10.17 27.60 10.41
N TYR A 101 10.25 27.31 9.11
CA TYR A 101 9.83 28.26 8.09
C TYR A 101 8.42 28.74 8.38
N LYS A 102 8.11 29.94 7.92
CA LYS A 102 6.78 30.50 8.08
C LYS A 102 5.93 29.92 6.98
N VAL A 103 4.64 29.74 7.27
CA VAL A 103 3.70 29.26 6.28
C VAL A 103 3.35 30.41 5.33
N VAL A 104 4.07 30.43 4.23
CA VAL A 104 4.00 31.49 3.24
C VAL A 104 3.03 31.18 2.08
N ALA A 105 2.82 29.90 1.80
CA ALA A 105 1.99 29.47 0.67
C ALA A 105 1.24 28.17 0.96
N PRO A 106 0.17 28.26 1.77
CA PRO A 106 -0.58 27.10 2.27
C PRO A 106 -1.27 26.32 1.14
N HIS A 107 -1.26 26.87 -0.07
CA HIS A 107 -1.90 26.22 -1.21
C HIS A 107 -0.88 25.45 -2.04
N ARG A 108 0.36 25.40 -1.56
CA ARG A 108 1.43 24.71 -2.27
C ARG A 108 2.02 23.63 -1.38
N TYR A 109 2.62 22.61 -1.98
CA TYR A 109 3.32 21.57 -1.21
C TYR A 109 4.56 22.18 -0.57
N ARG A 110 5.18 23.11 -1.29
CA ARG A 110 6.26 23.87 -0.72
C ARG A 110 5.64 25.09 -0.07
N TRP A 111 4.89 24.83 1.00
CA TRP A 111 4.15 25.86 1.73
C TRP A 111 5.06 26.91 2.37
N TYR A 112 6.36 26.66 2.31
CA TYR A 112 7.37 27.47 2.97
C TYR A 112 8.15 28.34 2.00
N SER A 113 7.87 28.20 0.71
CA SER A 113 8.63 28.90 -0.32
C SER A 113 7.91 30.14 -0.86
N PRO A 114 8.56 31.30 -0.76
CA PRO A 114 7.95 32.55 -1.23
C PRO A 114 7.82 32.58 -2.75
N ASN A 115 8.64 31.81 -3.46
CA ASN A 115 8.55 31.78 -4.92
C ASN A 115 7.29 31.08 -5.43
N GLU A 116 6.51 30.51 -4.52
CA GLU A 116 5.35 29.74 -4.95
C GLU A 116 4.03 30.41 -4.61
N LYS A 117 4.09 31.52 -3.87
CA LYS A 117 2.88 32.22 -3.45
C LYS A 117 1.88 32.44 -4.57
N HIS A 118 2.40 32.81 -5.74
CA HIS A 118 1.54 33.18 -6.87
C HIS A 118 1.08 32.00 -7.72
N LEU A 119 1.56 30.79 -7.41
CA LEU A 119 1.20 29.65 -8.23
C LEU A 119 -0.19 29.10 -7.86
N GLY A 120 -0.66 28.10 -8.61
CA GLY A 120 -1.98 27.54 -8.37
C GLY A 120 -2.14 26.74 -7.08
N ILE A 121 -3.39 26.49 -6.70
CA ILE A 121 -3.68 25.67 -5.54
C ILE A 121 -3.49 24.19 -5.89
N GLU A 122 -2.63 23.52 -5.14
CA GLU A 122 -2.33 22.11 -5.39
C GLU A 122 -3.23 21.17 -4.56
N VAL A 123 -3.72 20.12 -5.20
CA VAL A 123 -4.38 19.00 -4.53
C VAL A 123 -3.35 18.16 -3.76
N GLY A 124 -3.50 17.92 -2.47
CA GLY A 124 -4.38 18.61 -1.57
C GLY A 124 -3.44 19.22 -0.54
N SER A 125 -2.98 20.43 -0.84
CA SER A 125 -2.38 21.31 0.13
C SER A 125 -3.42 21.62 1.18
N LYS A 126 -3.00 22.32 2.23
CA LYS A 126 -3.94 22.72 3.28
C LYS A 126 -5.10 23.56 2.74
N THR A 127 -4.78 24.55 1.91
CA THR A 127 -5.84 25.39 1.34
C THR A 127 -6.82 24.56 0.53
N TRP A 128 -6.32 23.60 -0.23
CA TRP A 128 -7.17 22.76 -1.07
C TRP A 128 -8.12 21.91 -0.24
N ILE A 129 -7.59 21.30 0.82
CA ILE A 129 -8.36 20.38 1.64
C ILE A 129 -9.47 21.09 2.42
N GLU A 130 -9.13 22.23 3.01
CA GLU A 130 -10.11 23.01 3.76
C GLU A 130 -11.29 23.39 2.87
N ASP A 131 -11.00 23.73 1.63
CA ASP A 131 -12.05 24.08 0.68
C ASP A 131 -12.81 22.83 0.24
N PHE A 132 -12.07 21.77 -0.12
CA PHE A 132 -12.70 20.52 -0.53
C PHE A 132 -13.69 20.02 0.52
N ILE A 133 -13.35 20.22 1.79
CA ILE A 133 -14.20 19.76 2.89
C ILE A 133 -15.58 20.41 2.87
N THR A 134 -15.70 21.59 2.26
CA THR A 134 -16.97 22.33 2.29
C THR A 134 -17.89 22.04 1.10
N ARG A 135 -17.39 21.33 0.09
CA ARG A 135 -18.20 20.97 -1.08
C ARG A 135 -18.13 19.47 -1.33
N GLU A 136 -17.42 18.80 -0.43
CA GLU A 136 -17.13 17.38 -0.54
C GLU A 136 -18.39 16.51 -0.58
N ASN A 137 -19.43 16.91 0.14
CA ASN A 137 -20.63 16.09 0.19
C ASN A 137 -21.52 16.19 -1.05
N THR A 138 -21.11 16.99 -2.03
CA THR A 138 -21.88 17.11 -3.26
C THR A 138 -21.53 16.03 -4.29
N VAL A 139 -20.38 15.36 -4.13
CA VAL A 139 -20.06 14.28 -5.06
C VAL A 139 -21.04 13.13 -4.87
N PRO A 140 -21.55 12.59 -5.99
CA PRO A 140 -22.68 11.64 -6.00
C PRO A 140 -22.42 10.33 -5.28
N SER A 141 -23.51 9.73 -4.80
CA SER A 141 -23.47 8.40 -4.25
C SER A 141 -23.33 7.39 -5.40
N PRO A 142 -22.84 6.19 -5.08
CA PRO A 142 -22.67 5.10 -6.04
C PRO A 142 -24.00 4.48 -6.44
N THR A 143 -24.03 3.82 -7.60
CA THR A 143 -25.15 2.98 -7.99
C THR A 143 -25.03 1.64 -7.27
N ASP A 144 -26.11 0.87 -7.28
CA ASP A 144 -26.13 -0.44 -6.63
C ASP A 144 -25.25 -1.43 -7.37
N ASP A 145 -24.90 -1.10 -8.61
CA ASP A 145 -23.99 -1.94 -9.37
C ASP A 145 -22.54 -1.78 -8.90
N GLU A 146 -22.23 -0.62 -8.34
CA GLU A 146 -20.88 -0.29 -7.90
C GLU A 146 -20.61 -0.72 -6.47
N VAL A 147 -21.48 -0.33 -5.54
CA VAL A 147 -21.31 -0.76 -4.15
C VAL A 147 -22.56 -1.33 -3.55
N CYS A 148 -22.38 -2.46 -2.88
CA CYS A 148 -23.45 -3.11 -2.18
C CYS A 148 -23.23 -2.93 -0.68
N ILE A 149 -24.21 -2.34 -0.01
CA ILE A 149 -24.19 -2.16 1.44
C ILE A 149 -24.99 -3.26 2.13
N VAL A 150 -24.36 -3.94 3.08
CA VAL A 150 -24.98 -5.05 3.81
C VAL A 150 -24.85 -4.81 5.30
N GLU A 151 -25.78 -5.36 6.07
CA GLU A 151 -25.86 -5.07 7.50
C GLU A 151 -24.79 -5.80 8.28
N ASP A 152 -24.53 -7.05 7.91
CA ASP A 152 -23.47 -7.79 8.56
C ASP A 152 -22.84 -8.83 7.64
N GLY A 153 -21.93 -9.62 8.20
CA GLY A 153 -21.14 -10.55 7.41
C GLY A 153 -21.90 -11.75 6.90
N TYR A 154 -23.02 -12.09 7.54
CA TYR A 154 -23.88 -13.15 7.03
C TYR A 154 -24.62 -12.67 5.78
N GLU A 155 -25.09 -11.42 5.80
CA GLU A 155 -25.70 -10.86 4.61
C GLU A 155 -24.65 -10.71 3.51
N PHE A 156 -23.43 -10.32 3.90
CA PHE A 156 -22.32 -10.25 2.94
C PHE A 156 -22.13 -11.58 2.25
N ARG A 157 -21.91 -12.63 3.04
CA ARG A 157 -21.69 -13.95 2.46
C ARG A 157 -22.78 -14.29 1.45
N ARG A 158 -24.04 -14.13 1.84
CA ARG A 158 -25.17 -14.42 0.94
C ARG A 158 -25.12 -13.62 -0.37
N GLU A 159 -24.85 -12.32 -0.27
CA GLU A 159 -24.85 -11.47 -1.45
C GLU A 159 -23.65 -11.76 -2.32
N PHE A 160 -22.52 -12.06 -1.67
CA PHE A 160 -21.26 -12.36 -2.33
C PHE A 160 -21.46 -13.59 -3.20
N GLU A 161 -22.07 -14.62 -2.62
CA GLU A 161 -22.31 -15.86 -3.34
C GLU A 161 -23.26 -15.71 -4.54
N LYS A 162 -24.26 -14.85 -4.42
CA LYS A 162 -25.19 -14.66 -5.52
C LYS A 162 -24.46 -14.15 -6.75
N LEU A 163 -23.47 -13.29 -6.49
CA LEU A 163 -22.73 -12.62 -7.56
C LEU A 163 -21.62 -13.50 -8.14
N GLY A 164 -21.53 -14.74 -7.66
CA GLY A 164 -20.52 -15.66 -8.16
C GLY A 164 -19.28 -15.72 -7.27
N GLY A 165 -19.36 -15.06 -6.11
CA GLY A 165 -18.27 -15.11 -5.15
C GLY A 165 -16.97 -14.46 -5.60
N ALA A 166 -15.86 -14.95 -5.05
CA ALA A 166 -14.54 -14.37 -5.30
C ALA A 166 -14.15 -14.45 -6.78
N ASP A 167 -14.57 -15.52 -7.44
CA ASP A 167 -14.18 -15.74 -8.83
C ASP A 167 -14.83 -14.73 -9.77
N ASN A 168 -15.88 -14.09 -9.30
CA ASN A 168 -16.53 -13.02 -10.05
C ASN A 168 -16.59 -11.70 -9.29
N TRP A 169 -15.74 -11.56 -8.28
CA TRP A 169 -15.79 -10.38 -7.43
C TRP A 169 -15.47 -9.11 -8.22
N GLY A 170 -16.47 -8.26 -8.39
CA GLY A 170 -16.30 -7.05 -9.16
C GLY A 170 -16.85 -5.78 -8.51
N LYS A 171 -17.69 -5.90 -7.49
CA LYS A 171 -18.18 -4.68 -6.87
C LYS A 171 -17.65 -4.50 -5.45
N VAL A 172 -17.69 -3.27 -4.94
CA VAL A 172 -17.26 -3.08 -3.57
C VAL A 172 -18.42 -3.32 -2.60
N PHE A 173 -18.05 -3.73 -1.40
CA PHE A 173 -18.99 -4.03 -0.35
C PHE A 173 -18.65 -3.23 0.88
N MET A 174 -19.67 -2.63 1.47
CA MET A 174 -19.53 -2.04 2.79
C MET A 174 -20.39 -2.86 3.74
N VAL A 175 -19.75 -3.41 4.76
CA VAL A 175 -20.41 -4.26 5.74
C VAL A 175 -20.49 -3.48 7.05
N LYS A 176 -21.72 -3.15 7.45
CA LYS A 176 -21.96 -2.31 8.60
C LYS A 176 -21.49 -2.94 9.92
N ASP A 177 -21.75 -4.23 10.07
CA ASP A 177 -21.41 -4.92 11.32
C ASP A 177 -20.61 -6.17 11.01
N MET A 178 -19.50 -6.36 11.72
CA MET A 178 -18.49 -7.35 11.32
C MET A 178 -18.89 -8.78 11.64
N ASP A 179 -19.89 -8.92 12.48
CA ASP A 179 -20.43 -10.23 12.83
C ASP A 179 -20.71 -11.10 11.60
N GLY A 180 -20.06 -12.26 11.55
CA GLY A 180 -20.24 -13.18 10.43
C GLY A 180 -19.08 -13.18 9.46
N LEU A 181 -18.26 -12.12 9.48
CA LEU A 181 -17.07 -12.05 8.62
C LEU A 181 -15.91 -12.91 9.11
N ASN A 182 -15.96 -13.37 10.35
CA ASN A 182 -14.84 -14.11 10.94
C ASN A 182 -13.53 -13.33 10.74
N MET A 183 -13.61 -12.04 11.06
CA MET A 183 -12.48 -11.15 10.91
C MET A 183 -12.04 -10.78 12.31
N THR A 184 -10.92 -11.33 12.76
CA THR A 184 -10.45 -11.04 14.11
C THR A 184 -10.02 -9.57 14.24
N MET A 185 -10.63 -8.85 15.18
CA MET A 185 -10.25 -7.46 15.46
C MET A 185 -10.17 -7.18 16.96
N PRO A 186 -9.41 -6.14 17.34
CA PRO A 186 -9.36 -5.71 18.75
C PRO A 186 -10.71 -5.19 19.21
N LYS A 187 -11.05 -5.39 20.48
CA LYS A 187 -12.29 -4.85 21.03
C LYS A 187 -12.18 -3.34 21.19
N PRO A 188 -13.28 -2.62 20.88
CA PRO A 188 -13.30 -1.16 21.02
C PRO A 188 -12.75 -0.71 22.38
N GLY A 189 -12.23 0.51 22.43
CA GLY A 189 -11.43 0.96 23.55
C GLY A 189 -9.96 0.88 23.18
N PHE A 190 -9.66 -0.04 22.27
CA PHE A 190 -8.31 -0.20 21.71
C PHE A 190 -8.00 1.04 20.87
N ASP A 191 -6.82 1.61 21.09
CA ASP A 191 -6.48 2.84 20.39
C ASP A 191 -4.99 2.96 20.10
N LEU A 192 -4.61 4.13 19.59
CA LEU A 192 -3.23 4.38 19.20
C LEU A 192 -2.26 4.06 20.34
N GLU A 193 -2.73 4.26 21.56
CA GLU A 193 -1.93 4.03 22.76
C GLU A 193 -1.51 2.57 22.89
N ASP A 194 -2.42 1.64 22.63
CA ASP A 194 -2.07 0.23 22.69
C ASP A 194 -1.13 -0.13 21.54
N VAL A 195 -1.33 0.51 20.40
CA VAL A 195 -0.53 0.20 19.23
C VAL A 195 0.93 0.53 19.50
N VAL A 196 1.17 1.73 20.05
CA VAL A 196 2.54 2.17 20.31
C VAL A 196 3.19 1.36 21.42
N LYS A 197 2.38 0.86 22.35
CA LYS A 197 2.90 0.01 23.42
C LYS A 197 3.28 -1.37 22.91
N ILE A 198 2.47 -1.94 22.02
CA ILE A 198 2.76 -3.24 21.45
C ILE A 198 3.95 -3.20 20.48
N MET A 199 3.95 -2.22 19.59
CA MET A 199 4.97 -2.13 18.55
C MET A 199 6.30 -1.53 19.03
N GLY A 200 6.23 -0.66 20.03
CA GLY A 200 7.42 0.00 20.56
C GLY A 200 7.50 1.46 20.18
N SER A 201 7.98 2.30 21.10
CA SER A 201 8.03 3.75 20.91
C SER A 201 9.01 4.18 19.82
N ASP A 202 10.05 3.39 19.60
CA ASP A 202 11.07 3.76 18.62
C ASP A 202 10.82 3.12 17.26
N TYR A 203 9.72 2.38 17.14
CA TYR A 203 9.37 1.75 15.88
C TYR A 203 9.13 2.86 14.86
N GLU A 204 9.83 2.77 13.74
CA GLU A 204 9.67 3.78 12.71
C GLU A 204 8.63 3.34 11.70
N VAL A 205 7.75 4.27 11.34
CA VAL A 205 6.77 3.98 10.31
C VAL A 205 6.83 5.03 9.22
N ASP A 206 6.66 4.59 7.97
CA ASP A 206 6.54 5.52 6.85
C ASP A 206 5.24 6.30 6.94
N THR A 207 5.36 7.63 6.98
CA THR A 207 4.24 8.48 7.34
C THR A 207 3.99 9.53 6.28
N ILE A 208 2.72 9.82 6.01
CA ILE A 208 2.41 10.87 5.05
C ILE A 208 2.32 12.24 5.71
N ASP A 209 3.08 13.19 5.17
CA ASP A 209 2.97 14.59 5.54
C ASP A 209 1.95 15.16 4.58
N VAL A 210 0.72 15.30 5.05
CA VAL A 210 -0.40 15.50 4.17
C VAL A 210 -0.27 16.75 3.30
N TYR A 211 0.06 17.88 3.93
CA TYR A 211 0.08 19.15 3.22
C TYR A 211 1.22 19.24 2.22
N ASN A 212 2.27 18.47 2.49
CA ASN A 212 3.42 18.40 1.61
C ASN A 212 3.25 17.29 0.56
N GLN A 213 2.16 16.54 0.69
CA GLN A 213 1.96 15.28 -0.04
C GLN A 213 3.23 14.44 -0.26
N SER A 214 3.93 14.12 0.82
CA SER A 214 5.13 13.31 0.74
C SER A 214 5.18 12.36 1.91
N THR A 215 6.05 11.37 1.85
CA THR A 215 6.19 10.36 2.86
C THR A 215 7.55 10.47 3.54
N TYR A 216 7.57 10.44 4.87
CA TYR A 216 8.81 10.51 5.63
C TYR A 216 8.72 9.49 6.76
N SER A 217 9.88 9.07 7.24
CA SER A 217 9.95 8.22 8.42
C SER A 217 9.63 9.03 9.67
N MET A 218 8.86 8.43 10.57
CA MET A 218 8.56 9.05 11.85
C MET A 218 8.45 7.98 12.92
N LYS A 219 8.96 8.28 14.11
CA LYS A 219 8.82 7.39 15.25
C LYS A 219 7.36 7.27 15.64
N LEU A 220 6.96 6.08 16.05
CA LEU A 220 5.61 5.85 16.52
C LEU A 220 5.29 6.75 17.72
N ASP A 221 6.27 6.91 18.62
CA ASP A 221 6.11 7.75 19.80
C ASP A 221 5.95 9.20 19.41
N THR A 222 6.69 9.60 18.38
CA THR A 222 6.63 10.95 17.86
C THR A 222 5.27 11.20 17.20
N PHE A 223 4.74 10.19 16.52
CA PHE A 223 3.42 10.30 15.92
C PHE A 223 2.35 10.40 17.01
N ARG A 224 2.46 9.56 18.04
CA ARG A 224 1.50 9.57 19.13
C ARG A 224 1.42 10.94 19.78
N LYS A 225 2.56 11.59 19.93
CA LYS A 225 2.59 12.88 20.60
C LYS A 225 1.81 13.92 19.82
N LEU A 226 2.06 13.97 18.51
CA LEU A 226 1.38 14.91 17.65
C LEU A 226 -0.11 14.60 17.59
N PHE A 227 -0.44 13.31 17.72
CA PHE A 227 -1.83 12.87 17.63
C PHE A 227 -2.59 13.30 18.87
N ARG A 228 -1.92 13.27 20.02
CA ARG A 228 -2.54 13.65 21.28
C ARG A 228 -2.88 15.14 21.36
N ASP A 229 -2.04 15.98 20.77
CA ASP A 229 -2.27 17.41 20.77
C ASP A 229 -3.23 17.83 19.67
N THR A 230 -4.51 17.79 19.98
CA THR A 230 -5.56 18.05 19.01
C THR A 230 -5.71 19.53 18.64
N LYS A 231 -5.18 20.42 19.49
CA LYS A 231 -5.37 21.85 19.25
C LYS A 231 -4.24 22.47 18.43
N ASN A 232 -3.05 21.92 18.58
CA ASN A 232 -1.90 22.44 17.85
C ASN A 232 -1.42 21.45 16.80
N ARG A 233 -1.82 21.66 15.55
CA ARG A 233 -1.37 20.82 14.46
C ARG A 233 -1.04 21.66 13.23
N PRO A 234 0.16 22.24 13.22
CA PRO A 234 0.64 23.03 12.09
C PRO A 234 0.60 22.19 10.82
N LEU A 235 1.07 20.95 10.95
CA LEU A 235 1.07 20.01 9.84
C LEU A 235 0.25 18.77 10.23
N LEU A 236 -0.38 18.15 9.23
CA LEU A 236 -1.16 16.93 9.44
C LEU A 236 -0.39 15.68 9.04
N TYR A 237 -0.57 14.61 9.79
CA TYR A 237 0.13 13.36 9.52
C TYR A 237 -0.83 12.18 9.50
N ASN A 238 -0.52 11.22 8.62
CA ASN A 238 -1.39 10.09 8.39
C ASN A 238 -0.49 8.96 7.96
N PHE A 239 -0.38 7.90 8.75
CA PHE A 239 0.35 6.74 8.25
C PHE A 239 -0.56 5.62 7.73
N LEU A 240 -0.17 5.01 6.61
CA LEU A 240 -0.94 3.95 5.98
C LEU A 240 -0.21 2.62 5.96
N SER A 241 1.02 2.60 6.48
CA SER A 241 1.95 1.54 6.10
C SER A 241 2.59 0.78 7.26
N LEU A 242 1.92 0.76 8.41
CA LEU A 242 2.45 0.02 9.54
C LEU A 242 2.09 -1.45 9.38
N GLU A 243 3.02 -2.23 8.83
CA GLU A 243 2.77 -3.64 8.59
C GLU A 243 3.27 -4.42 9.79
N PHE A 244 2.37 -5.16 10.42
CA PHE A 244 2.65 -5.77 11.71
C PHE A 244 2.56 -7.30 11.70
N SER A 245 2.50 -7.88 10.50
CA SER A 245 2.38 -9.34 10.39
C SER A 245 3.57 -10.08 11.01
N ASP A 246 4.64 -9.35 11.31
CA ASP A 246 5.82 -9.96 11.93
C ASP A 246 5.93 -9.63 13.42
N ASN A 247 4.98 -8.88 13.96
CA ASN A 247 4.91 -8.68 15.40
C ASN A 247 4.05 -9.75 16.03
N ASN A 248 4.66 -10.54 16.91
CA ASN A 248 4.03 -11.74 17.45
C ASN A 248 2.77 -11.46 18.24
N GLU A 249 2.68 -10.28 18.83
CA GLU A 249 1.47 -9.90 19.56
C GLU A 249 0.40 -9.39 18.60
N MET A 250 0.76 -8.40 17.78
CA MET A 250 -0.19 -7.76 16.86
C MET A 250 -0.81 -8.71 15.85
N LYS A 251 -0.04 -9.67 15.37
CA LYS A 251 -0.53 -10.51 14.29
C LYS A 251 -1.69 -11.41 14.70
N GLU A 252 -2.03 -11.42 15.98
CA GLU A 252 -3.11 -12.24 16.50
C GLU A 252 -4.31 -11.39 16.82
N ILE A 253 -4.09 -10.09 16.92
CA ILE A 253 -5.10 -9.16 17.37
C ILE A 253 -5.97 -8.67 16.20
N ALA A 254 -5.35 -8.50 15.04
CA ALA A 254 -6.06 -8.02 13.85
C ALA A 254 -5.71 -8.88 12.65
N LYS A 255 -6.69 -9.63 12.15
CA LYS A 255 -6.47 -10.51 11.01
C LYS A 255 -7.44 -10.22 9.88
N PRO A 256 -7.13 -10.71 8.68
CA PRO A 256 -8.05 -10.61 7.54
C PRO A 256 -9.31 -11.42 7.81
N PRO A 257 -10.44 -11.05 7.19
CA PRO A 257 -11.63 -11.91 7.18
C PRO A 257 -11.23 -13.28 6.65
N ARG A 258 -11.95 -14.31 7.07
CA ARG A 258 -11.58 -15.66 6.71
C ARG A 258 -11.61 -15.86 5.19
N PHE A 259 -12.63 -15.31 4.53
CA PHE A 259 -12.75 -15.52 3.09
C PHE A 259 -11.51 -14.97 2.38
N VAL A 260 -10.92 -13.92 2.95
CA VAL A 260 -9.69 -13.36 2.42
C VAL A 260 -8.49 -14.29 2.60
N GLN A 261 -8.36 -14.87 3.79
CA GLN A 261 -7.24 -15.78 4.04
C GLN A 261 -7.35 -16.96 3.10
N GLU A 262 -8.58 -17.33 2.76
CA GLU A 262 -8.81 -18.48 1.89
C GLU A 262 -8.59 -18.23 0.40
N ILE A 263 -8.54 -16.96 -0.03
CA ILE A 263 -8.32 -16.69 -1.44
C ILE A 263 -6.96 -15.99 -1.71
N SER A 264 -6.33 -15.50 -0.64
CA SER A 264 -5.02 -14.86 -0.74
C SER A 264 -3.96 -15.74 -1.41
N MET A 265 -3.40 -15.26 -2.52
CA MET A 265 -2.29 -15.98 -3.17
C MET A 265 -1.03 -16.04 -2.32
N VAL A 266 -0.72 -14.94 -1.62
CA VAL A 266 0.43 -14.93 -0.73
C VAL A 266 0.25 -15.90 0.44
N ASN A 267 -0.94 -15.91 1.03
CA ASN A 267 -1.25 -16.84 2.10
C ASN A 267 -1.15 -18.30 1.64
N ARG A 268 -1.53 -18.54 0.38
CA ARG A 268 -1.45 -19.87 -0.19
C ARG A 268 0.00 -20.33 -0.32
N LEU A 269 0.91 -19.37 -0.59
CA LEU A 269 2.30 -19.69 -0.90
C LEU A 269 3.21 -19.72 0.32
N TRP A 270 2.89 -18.90 1.30
CA TRP A 270 3.63 -18.82 2.54
C TRP A 270 2.67 -19.09 3.69
N PRO A 271 2.11 -20.30 3.74
CA PRO A 271 1.10 -20.60 4.76
C PRO A 271 1.73 -20.45 6.14
N ASP A 272 0.95 -20.00 7.12
CA ASP A 272 1.48 -19.84 8.47
C ASP A 272 1.32 -21.16 9.22
N VAL A 273 2.02 -22.17 8.71
CA VAL A 273 1.80 -23.57 9.06
C VAL A 273 2.92 -24.13 9.95
N SER A 274 2.66 -25.25 10.63
CA SER A 274 3.62 -25.81 11.59
C SER A 274 3.84 -27.32 11.42
N GLY A 275 4.75 -27.86 12.22
CA GLY A 275 4.93 -29.30 12.33
C GLY A 275 5.05 -30.02 11.01
N ALA A 276 4.37 -31.16 10.90
CA ALA A 276 4.42 -31.99 9.70
C ALA A 276 4.00 -31.27 8.42
N GLU A 277 2.98 -30.42 8.52
CA GLU A 277 2.56 -29.58 7.39
C GLU A 277 3.75 -28.80 6.88
N TYR A 278 4.43 -28.14 7.81
CA TYR A 278 5.59 -27.33 7.46
C TYR A 278 6.71 -28.20 6.88
N ILE A 279 6.93 -29.37 7.49
CA ILE A 279 7.98 -30.28 7.03
C ILE A 279 7.74 -30.69 5.59
N LYS A 280 6.51 -31.05 5.26
CA LYS A 280 6.16 -31.45 3.90
C LYS A 280 6.40 -30.30 2.93
N LEU A 281 6.13 -29.10 3.40
CA LEU A 281 6.44 -27.89 2.63
C LEU A 281 7.92 -27.91 2.27
N LEU A 282 8.75 -28.28 3.23
CA LEU A 282 10.20 -28.28 3.02
C LEU A 282 10.59 -29.41 2.07
N GLN A 283 10.03 -30.59 2.32
CA GLN A 283 10.32 -31.76 1.50
C GLN A 283 9.98 -31.51 0.04
N ARG A 284 8.84 -30.88 -0.21
CA ARG A 284 8.38 -30.62 -1.58
C ARG A 284 9.14 -29.50 -2.27
N GLU A 285 10.09 -28.89 -1.55
CA GLU A 285 10.83 -27.75 -2.09
C GLU A 285 9.90 -26.56 -2.35
N GLU A 286 8.71 -26.60 -1.75
CA GLU A 286 7.73 -25.51 -1.84
C GLU A 286 7.95 -24.49 -0.74
N TYR A 287 9.04 -24.65 0.00
CA TYR A 287 9.45 -23.64 0.97
C TYR A 287 9.80 -22.34 0.28
N LEU A 288 9.44 -21.23 0.94
CA LEU A 288 9.84 -19.92 0.46
C LEU A 288 10.30 -19.05 1.63
N PRO A 289 11.46 -18.40 1.46
CA PRO A 289 12.07 -17.50 2.44
C PRO A 289 11.09 -16.45 2.95
N GLU A 290 11.13 -16.23 4.27
CA GLU A 290 10.31 -15.20 4.92
C GLU A 290 10.67 -13.80 4.41
N ASP A 291 11.93 -13.61 4.05
CA ASP A 291 12.36 -12.30 3.54
C ASP A 291 11.98 -12.10 2.08
N GLN A 292 11.41 -13.12 1.45
CA GLN A 292 10.86 -12.98 0.10
C GLN A 292 9.36 -12.72 0.08
N ARG A 293 8.71 -12.92 1.22
CA ARG A 293 7.27 -12.80 1.34
C ARG A 293 6.83 -11.35 1.16
N PRO A 294 5.92 -11.10 0.22
CA PRO A 294 5.30 -9.78 0.21
C PRO A 294 4.53 -9.65 1.52
N LYS A 295 4.75 -8.58 2.26
CA LYS A 295 4.15 -8.44 3.59
C LYS A 295 3.23 -7.27 3.53
N VAL A 296 1.99 -7.49 3.08
CA VAL A 296 1.09 -6.39 2.81
C VAL A 296 -0.35 -6.68 3.25
N GLU A 297 -0.54 -7.78 3.98
CA GLU A 297 -1.87 -8.24 4.34
C GLU A 297 -2.36 -7.78 5.72
N GLN A 298 -1.47 -7.19 6.52
CA GLN A 298 -1.89 -6.70 7.83
C GLN A 298 -1.27 -5.34 8.10
N PHE A 299 -2.02 -4.31 7.77
CA PHE A 299 -1.61 -2.94 7.99
C PHE A 299 -2.47 -2.30 9.06
N CYS A 300 -1.85 -1.39 9.81
CA CYS A 300 -2.55 -0.52 10.70
C CYS A 300 -2.43 0.90 10.17
N LEU A 301 -3.53 1.64 10.20
CA LEU A 301 -3.52 2.99 9.66
C LEU A 301 -4.05 3.95 10.71
N ALA A 302 -3.38 5.08 10.87
CA ALA A 302 -3.84 6.11 11.79
C ALA A 302 -3.69 7.46 11.12
N GLY A 303 -4.72 8.29 11.20
CA GLY A 303 -4.72 9.57 10.55
C GLY A 303 -5.45 10.66 11.32
N MET A 304 -4.92 11.88 11.18
CA MET A 304 -5.48 13.05 11.82
C MET A 304 -6.64 13.57 10.99
N ALA A 305 -7.60 14.16 11.68
CA ALA A 305 -8.76 14.77 11.04
C ALA A 305 -8.28 15.80 10.03
N GLY A 306 -8.91 15.81 8.86
CA GLY A 306 -8.46 16.69 7.78
C GLY A 306 -7.39 16.09 6.88
N SER A 307 -7.01 14.83 7.11
CA SER A 307 -6.06 14.11 6.24
C SER A 307 -6.68 13.78 4.91
N TYR A 308 -5.87 13.82 3.86
CA TYR A 308 -6.37 13.45 2.54
C TYR A 308 -5.33 12.65 1.78
N THR A 309 -5.77 11.51 1.25
CA THR A 309 -4.92 10.69 0.37
C THR A 309 -5.51 10.76 -1.03
N ASP A 310 -4.68 11.12 -2.00
CA ASP A 310 -5.18 11.43 -3.33
C ASP A 310 -5.41 10.12 -4.10
N PHE A 311 -6.09 10.21 -5.24
CA PHE A 311 -6.49 9.03 -6.00
C PHE A 311 -5.33 8.08 -6.36
N HIS A 312 -5.60 6.79 -6.26
CA HIS A 312 -4.63 5.81 -6.67
C HIS A 312 -5.35 4.50 -6.82
N VAL A 313 -4.67 3.54 -7.42
CA VAL A 313 -5.11 2.16 -7.42
C VAL A 313 -4.09 1.40 -6.57
N ASP A 314 -4.56 0.55 -5.68
CA ASP A 314 -3.63 -0.18 -4.82
C ASP A 314 -2.65 -1.07 -5.59
N PHE A 315 -1.42 -1.15 -5.09
CA PHE A 315 -0.34 -1.77 -5.85
C PHE A 315 -0.63 -3.21 -6.22
N GLY A 316 -0.19 -3.58 -7.44
CA GLY A 316 -0.43 -4.90 -7.99
C GLY A 316 -1.88 -5.13 -8.33
N GLY A 317 -2.70 -4.08 -8.22
CA GLY A 317 -4.12 -4.23 -8.38
C GLY A 317 -4.65 -5.22 -7.35
N SER A 318 -4.08 -5.17 -6.16
CA SER A 318 -4.56 -5.98 -5.06
C SER A 318 -5.90 -5.51 -4.53
N SER A 319 -6.65 -6.44 -3.98
CA SER A 319 -7.90 -6.15 -3.30
C SER A 319 -7.61 -5.72 -1.88
N VAL A 320 -8.60 -5.14 -1.22
CA VAL A 320 -8.37 -4.52 0.08
C VAL A 320 -9.53 -4.80 1.02
N TYR A 321 -9.19 -5.15 2.26
CA TYR A 321 -10.18 -5.09 3.33
C TYR A 321 -9.76 -3.94 4.22
N TYR A 322 -10.73 -3.32 4.87
CA TYR A 322 -10.49 -2.04 5.52
C TYR A 322 -11.51 -1.90 6.64
N HIS A 323 -11.08 -2.12 7.88
CA HIS A 323 -11.98 -2.05 9.02
C HIS A 323 -11.71 -0.80 9.87
N ILE A 324 -12.73 0.03 10.06
CA ILE A 324 -12.57 1.24 10.87
C ILE A 324 -12.81 0.92 12.33
N LEU A 325 -11.74 0.95 13.11
CA LEU A 325 -11.82 0.67 14.53
C LEU A 325 -12.32 1.92 15.26
N LYS A 326 -11.76 3.06 14.89
CA LYS A 326 -12.16 4.36 15.44
C LYS A 326 -12.11 5.39 14.35
N GLY A 327 -13.06 6.33 14.41
CA GLY A 327 -13.04 7.47 13.52
C GLY A 327 -13.95 7.28 12.33
N GLU A 328 -13.57 7.87 11.20
CA GLU A 328 -14.45 7.93 10.05
C GLU A 328 -13.67 8.24 8.79
N LYS A 329 -14.05 7.58 7.69
CA LYS A 329 -13.39 7.78 6.41
C LYS A 329 -14.41 8.06 5.31
N ILE A 330 -14.03 8.88 4.35
CA ILE A 330 -14.84 9.10 3.16
C ILE A 330 -14.04 8.71 1.93
N PHE A 331 -14.48 7.66 1.25
CA PHE A 331 -13.81 7.22 0.04
C PHE A 331 -14.47 7.84 -1.18
N TYR A 332 -13.64 8.27 -2.13
CA TYR A 332 -14.09 8.73 -3.43
C TYR A 332 -13.56 7.72 -4.44
N ILE A 333 -14.48 7.04 -5.12
CA ILE A 333 -14.12 5.85 -5.87
C ILE A 333 -14.62 5.90 -7.30
N ALA A 334 -13.90 5.22 -8.19
CA ALA A 334 -14.28 5.12 -9.59
C ALA A 334 -14.02 3.69 -10.05
N ALA A 335 -14.97 3.14 -10.81
CA ALA A 335 -14.89 1.75 -11.24
C ALA A 335 -13.70 1.53 -12.14
N PRO A 336 -13.18 0.29 -12.17
CA PRO A 336 -12.02 0.00 -13.02
C PRO A 336 -12.39 -0.28 -14.49
N THR A 337 -12.91 0.71 -15.20
CA THR A 337 -13.21 0.57 -16.62
C THR A 337 -12.06 1.13 -17.46
N GLU A 338 -11.99 0.74 -18.73
CA GLU A 338 -10.95 1.26 -19.61
C GLU A 338 -10.98 2.78 -19.69
N GLN A 339 -12.17 3.35 -19.79
CA GLN A 339 -12.32 4.81 -19.81
C GLN A 339 -11.74 5.49 -18.56
N ASN A 340 -12.04 4.94 -17.38
CA ASN A 340 -11.52 5.50 -16.12
C ASN A 340 -10.01 5.31 -16.01
N PHE A 341 -9.50 4.17 -16.47
CA PHE A 341 -8.06 3.93 -16.48
C PHE A 341 -7.31 4.89 -17.41
N ALA A 342 -7.91 5.20 -18.56
CA ALA A 342 -7.30 6.16 -19.45
C ALA A 342 -7.22 7.54 -18.80
N ALA A 343 -8.30 7.97 -18.15
CA ALA A 343 -8.29 9.25 -17.47
C ALA A 343 -7.27 9.24 -16.33
N TYR A 344 -7.30 8.17 -15.54
CA TYR A 344 -6.38 8.04 -14.42
C TYR A 344 -4.93 8.03 -14.86
N GLN A 345 -4.60 7.23 -15.88
CA GLN A 345 -3.25 7.22 -16.41
C GLN A 345 -2.83 8.60 -16.89
N ALA A 346 -3.72 9.31 -17.57
CA ALA A 346 -3.39 10.65 -18.08
C ALA A 346 -3.14 11.59 -16.90
N HIS A 347 -4.06 11.55 -15.94
CA HIS A 347 -3.94 12.33 -14.70
C HIS A 347 -2.63 12.10 -13.93
N GLU A 348 -2.20 10.85 -13.87
CA GLU A 348 -0.99 10.49 -13.13
C GLU A 348 0.28 10.93 -13.85
N THR A 349 0.23 10.98 -15.18
CA THR A 349 1.42 11.28 -15.94
C THR A 349 1.49 12.76 -16.32
N SER A 350 0.38 13.48 -16.11
CA SER A 350 0.36 14.90 -16.37
C SER A 350 1.08 15.61 -15.24
N PRO A 351 1.85 16.65 -15.59
CA PRO A 351 2.62 17.42 -14.60
C PRO A 351 1.69 18.28 -13.76
N ASP A 352 0.47 18.47 -14.23
CA ASP A 352 -0.49 19.31 -13.52
C ASP A 352 -0.77 18.79 -12.11
N THR A 353 -1.12 19.71 -11.23
CA THR A 353 -1.16 19.43 -9.82
C THR A 353 -2.37 20.14 -9.21
N THR A 354 -3.09 20.88 -10.04
CA THR A 354 -4.17 21.73 -9.58
C THR A 354 -5.54 21.10 -9.84
N THR A 355 -5.57 20.02 -10.58
CA THR A 355 -6.84 19.46 -10.97
C THR A 355 -7.22 18.20 -10.19
N TRP A 356 -8.35 18.26 -9.49
CA TRP A 356 -8.88 17.08 -8.83
C TRP A 356 -9.33 16.06 -9.88
N PHE A 357 -8.89 14.83 -9.73
CA PHE A 357 -9.22 13.78 -10.69
C PHE A 357 -10.73 13.67 -10.90
N GLY A 358 -11.50 13.86 -9.84
CA GLY A 358 -12.93 13.76 -9.91
C GLY A 358 -13.58 14.71 -10.90
N ASP A 359 -12.92 15.84 -11.16
CA ASP A 359 -13.44 16.87 -12.06
C ASP A 359 -13.17 16.59 -13.53
N ILE A 360 -12.28 15.65 -13.83
CA ILE A 360 -12.03 15.31 -15.23
C ILE A 360 -12.53 13.93 -15.59
N ALA A 361 -13.13 13.24 -14.61
CA ALA A 361 -13.46 11.83 -14.80
C ALA A 361 -14.87 11.62 -15.32
N ASN A 362 -15.53 12.69 -15.77
CA ASN A 362 -16.86 12.57 -16.37
C ASN A 362 -17.90 11.96 -15.42
N GLY A 363 -17.85 12.34 -14.14
CA GLY A 363 -18.82 11.88 -13.15
C GLY A 363 -18.68 10.42 -12.73
N ALA A 364 -17.53 9.82 -12.99
CA ALA A 364 -17.28 8.46 -12.54
C ALA A 364 -17.03 8.37 -11.03
N VAL A 365 -16.60 9.47 -10.41
CA VAL A 365 -16.23 9.42 -8.99
C VAL A 365 -17.43 9.45 -8.05
N LYS A 366 -17.49 8.49 -7.13
CA LYS A 366 -18.61 8.37 -6.22
C LYS A 366 -18.16 8.46 -4.76
N ARG A 367 -19.06 8.93 -3.90
CA ARG A 367 -18.73 9.16 -2.50
C ARG A 367 -19.34 8.06 -1.64
N VAL A 368 -18.54 7.51 -0.74
CA VAL A 368 -19.01 6.48 0.16
C VAL A 368 -18.41 6.70 1.54
N VAL A 369 -19.28 6.96 2.52
CA VAL A 369 -18.86 7.19 3.89
C VAL A 369 -18.77 5.88 4.65
N ILE A 370 -17.66 5.69 5.36
CA ILE A 370 -17.49 4.51 6.22
C ILE A 370 -17.28 4.98 7.65
N LYS A 371 -18.05 4.41 8.59
CA LYS A 371 -18.02 4.87 9.96
C LYS A 371 -17.47 3.82 10.91
N GLU A 372 -17.23 4.24 12.14
CA GLU A 372 -16.68 3.38 13.17
C GLU A 372 -17.39 2.04 13.17
N GLY A 373 -16.62 0.96 13.11
CA GLY A 373 -17.16 -0.38 13.25
C GLY A 373 -17.43 -1.02 11.90
N GLN A 374 -17.45 -0.18 10.86
CA GLN A 374 -17.80 -0.62 9.52
C GLN A 374 -16.59 -1.06 8.71
N THR A 375 -16.83 -1.89 7.70
CA THR A 375 -15.75 -2.56 6.98
C THR A 375 -15.96 -2.46 5.47
N LEU A 376 -14.93 -2.06 4.76
CA LEU A 376 -15.01 -1.93 3.32
C LEU A 376 -14.22 -3.04 2.64
N LEU A 377 -14.80 -3.64 1.60
CA LEU A 377 -14.13 -4.67 0.82
C LEU A 377 -14.06 -4.22 -0.64
N ILE A 378 -12.82 -3.97 -1.10
CA ILE A 378 -12.58 -3.47 -2.44
C ILE A 378 -11.82 -4.47 -3.31
N PRO A 379 -12.40 -4.85 -4.46
CA PRO A 379 -11.77 -5.76 -5.42
C PRO A 379 -10.70 -5.04 -6.24
N ALA A 380 -10.02 -5.78 -7.11
CA ALA A 380 -8.95 -5.23 -7.94
C ALA A 380 -9.35 -4.01 -8.77
N GLY A 381 -8.46 -3.03 -8.80
CA GLY A 381 -8.54 -1.97 -9.80
C GLY A 381 -9.35 -0.74 -9.48
N TRP A 382 -10.09 -0.74 -8.38
CA TRP A 382 -10.86 0.46 -8.03
C TRP A 382 -9.97 1.66 -7.74
N ILE A 383 -10.24 2.75 -8.44
CA ILE A 383 -9.53 4.00 -8.24
C ILE A 383 -10.17 4.71 -7.05
N HIS A 384 -9.37 5.16 -6.09
CA HIS A 384 -9.95 5.77 -4.91
C HIS A 384 -9.04 6.76 -4.21
N ALA A 385 -9.68 7.75 -3.61
CA ALA A 385 -9.04 8.74 -2.77
C ALA A 385 -9.81 8.68 -1.46
N VAL A 386 -9.21 9.15 -0.38
CA VAL A 386 -9.92 9.10 0.88
C VAL A 386 -9.68 10.31 1.76
N LEU A 387 -10.78 10.80 2.35
CA LEU A 387 -10.74 11.94 3.25
C LEU A 387 -10.96 11.42 4.66
N THR A 388 -10.21 11.95 5.62
CA THR A 388 -10.35 11.53 7.02
C THR A 388 -10.95 12.69 7.81
N PRO A 389 -12.28 12.71 7.94
CA PRO A 389 -13.01 13.81 8.57
C PRO A 389 -12.73 13.89 10.07
N VAL A 390 -12.28 12.78 10.65
CA VAL A 390 -12.11 12.66 12.10
C VAL A 390 -10.93 11.74 12.44
N ASP A 391 -10.22 12.03 13.52
CA ASP A 391 -9.11 11.20 13.99
C ASP A 391 -9.45 9.71 13.94
N SER A 392 -8.57 8.89 13.35
CA SER A 392 -8.95 7.53 12.99
C SER A 392 -7.93 6.45 13.26
N LEU A 393 -8.43 5.22 13.42
CA LEU A 393 -7.58 4.07 13.57
C LEU A 393 -8.21 2.97 12.74
N VAL A 394 -7.43 2.43 11.81
CA VAL A 394 -7.96 1.46 10.86
C VAL A 394 -7.03 0.26 10.76
N PHE A 395 -7.60 -0.93 10.64
CA PHE A 395 -6.83 -2.11 10.27
C PHE A 395 -7.31 -2.60 8.93
N GLY A 396 -6.37 -2.82 8.02
CA GLY A 396 -6.69 -3.37 6.71
C GLY A 396 -5.53 -4.14 6.13
N GLY A 397 -5.65 -4.53 4.86
CA GLY A 397 -4.65 -5.34 4.22
C GLY A 397 -4.91 -5.49 2.74
N ASN A 398 -3.84 -5.79 2.00
CA ASN A 398 -3.93 -6.00 0.57
C ASN A 398 -3.65 -7.45 0.25
N PHE A 399 -4.26 -7.93 -0.82
CA PHE A 399 -4.08 -9.30 -1.22
C PHE A 399 -4.39 -9.48 -2.70
N LEU A 400 -3.82 -10.54 -3.26
CA LEU A 400 -4.05 -10.90 -4.63
C LEU A 400 -4.82 -12.19 -4.57
N HIS A 401 -5.69 -12.42 -5.54
CA HIS A 401 -6.41 -13.66 -5.62
C HIS A 401 -6.74 -14.04 -7.06
N LEU A 402 -6.95 -15.33 -7.30
CA LEU A 402 -7.11 -15.85 -8.65
C LEU A 402 -8.32 -15.27 -9.39
N GLY A 403 -9.40 -14.98 -8.66
CA GLY A 403 -10.62 -14.44 -9.23
C GLY A 403 -10.44 -13.09 -9.89
N ASN A 404 -9.44 -12.34 -9.46
CA ASN A 404 -9.19 -11.02 -10.05
C ASN A 404 -7.90 -10.95 -10.86
N LEU A 405 -7.40 -12.11 -11.30
CA LEU A 405 -6.10 -12.19 -11.98
C LEU A 405 -6.01 -11.29 -13.23
N GLU A 406 -7.06 -11.24 -14.04
CA GLU A 406 -7.03 -10.42 -15.24
C GLU A 406 -6.92 -8.94 -14.89
N MET A 407 -7.74 -8.48 -13.96
CA MET A 407 -7.71 -7.09 -13.52
C MET A 407 -6.39 -6.75 -12.83
N GLN A 408 -5.87 -7.67 -12.02
CA GLN A 408 -4.55 -7.49 -11.39
C GLN A 408 -3.44 -7.25 -12.45
N MET A 409 -3.46 -8.03 -13.52
CA MET A 409 -2.46 -7.86 -14.59
C MET A 409 -2.68 -6.54 -15.33
N ARG A 410 -3.95 -6.19 -15.56
CA ARG A 410 -4.30 -4.92 -16.21
C ARG A 410 -3.73 -3.73 -15.40
N VAL A 411 -3.76 -3.84 -14.07
CA VAL A 411 -3.24 -2.80 -13.20
C VAL A 411 -1.71 -2.80 -13.20
N TYR A 412 -1.12 -3.98 -13.26
CA TYR A 412 0.33 -4.08 -13.44
C TYR A 412 0.75 -3.32 -14.72
N HIS A 413 0.07 -3.57 -15.84
CA HIS A 413 0.35 -2.84 -17.08
C HIS A 413 0.19 -1.34 -16.88
N LEU A 414 -0.85 -0.96 -16.15
CA LEU A 414 -1.13 0.44 -15.88
C LEU A 414 0.01 1.10 -15.12
N GLU A 415 0.48 0.46 -14.06
CA GLU A 415 1.65 0.92 -13.29
C GLU A 415 2.91 1.03 -14.15
N ASN A 416 3.18 0.00 -14.95
CA ASN A 416 4.37 -0.02 -15.78
C ASN A 416 4.35 1.12 -16.78
N ALA A 417 3.17 1.42 -17.34
CA ALA A 417 3.02 2.54 -18.26
C ALA A 417 3.30 3.87 -17.58
N ILE A 418 2.71 4.07 -16.40
CA ILE A 418 2.95 5.29 -15.64
C ILE A 418 4.41 5.48 -15.29
N ARG A 419 5.05 4.41 -14.84
CA ARG A 419 6.45 4.48 -14.42
C ARG A 419 7.40 4.77 -15.58
N LYS A 420 6.99 4.45 -16.80
CA LYS A 420 7.75 4.85 -17.98
C LYS A 420 7.89 6.36 -18.05
N GLU A 421 6.91 7.07 -17.51
CA GLU A 421 6.91 8.54 -17.57
C GLU A 421 7.59 9.15 -16.35
N ILE A 422 6.97 9.01 -15.19
CA ILE A 422 7.50 9.58 -13.97
C ILE A 422 8.68 8.78 -13.39
N ARG A 423 9.00 9.05 -12.14
CA ARG A 423 9.97 8.24 -11.40
C ARG A 423 9.44 7.95 -10.01
N SER A 424 9.30 6.67 -9.65
CA SER A 424 8.83 6.33 -8.31
C SER A 424 9.69 5.28 -7.64
N GLU A 425 9.68 5.27 -6.32
CA GLU A 425 10.44 4.28 -5.55
C GLU A 425 9.77 2.92 -5.60
N GLU A 426 10.58 1.87 -5.68
CA GLU A 426 10.08 0.49 -5.71
C GLU A 426 9.08 0.16 -4.60
N LYS A 427 9.27 0.77 -3.43
CA LYS A 427 8.48 0.44 -2.23
C LYS A 427 7.01 0.86 -2.30
N PHE A 428 6.65 1.62 -3.33
CA PHE A 428 5.25 1.96 -3.54
C PHE A 428 4.57 1.03 -4.54
N TYR A 429 5.24 -0.06 -4.91
CA TYR A 429 4.64 -1.05 -5.80
C TYR A 429 4.60 -2.41 -5.14
N PHE A 430 3.85 -3.33 -5.73
CA PHE A 430 3.68 -4.62 -5.08
C PHE A 430 5.02 -5.34 -5.08
N PRO A 431 5.45 -5.81 -3.91
CA PRO A 431 6.77 -6.43 -3.73
C PRO A 431 6.84 -7.79 -4.39
N ASN A 432 7.88 -8.02 -5.17
CA ASN A 432 8.11 -9.34 -5.77
C ASN A 432 6.92 -9.84 -6.57
N PHE A 433 6.25 -8.92 -7.25
CA PHE A 433 5.06 -9.25 -8.02
C PHE A 433 5.29 -10.40 -8.99
N GLU A 434 6.33 -10.29 -9.80
CA GLU A 434 6.58 -11.31 -10.82
C GLU A 434 7.02 -12.63 -10.19
N LEU A 435 7.93 -12.57 -9.24
CA LEU A 435 8.38 -13.77 -8.55
C LEU A 435 7.20 -14.55 -7.97
N LEU A 436 6.29 -13.84 -7.32
CA LEU A 436 5.12 -14.46 -6.70
C LEU A 436 4.37 -15.32 -7.71
N HIS A 437 4.21 -14.81 -8.92
CA HIS A 437 3.51 -15.54 -9.96
C HIS A 437 4.29 -16.76 -10.49
N TRP A 438 5.62 -16.65 -10.57
CA TRP A 438 6.45 -17.80 -10.93
C TRP A 438 6.27 -18.89 -9.89
N MET A 439 6.33 -18.52 -8.62
CA MET A 439 6.18 -19.46 -7.52
C MET A 439 4.79 -20.07 -7.50
N TYR A 440 3.78 -19.25 -7.76
CA TYR A 440 2.40 -19.72 -7.71
C TYR A 440 2.13 -20.71 -8.84
N MET A 441 2.66 -20.40 -10.03
CA MET A 441 2.53 -21.28 -11.18
C MET A 441 3.24 -22.62 -10.92
N ARG A 442 4.47 -22.55 -10.46
CA ARG A 442 5.27 -23.73 -10.19
C ARG A 442 4.74 -24.55 -9.00
N ASN A 443 4.52 -23.90 -7.86
CA ASN A 443 4.11 -24.61 -6.65
C ASN A 443 2.63 -24.98 -6.60
N VAL A 444 1.77 -24.19 -7.24
CA VAL A 444 0.33 -24.41 -7.11
C VAL A 444 -0.35 -24.87 -8.41
N LEU A 445 -0.38 -24.01 -9.42
CA LEU A 445 -1.10 -24.32 -10.66
C LEU A 445 -0.56 -25.52 -11.43
N LEU A 446 0.74 -25.53 -11.68
CA LEU A 446 1.36 -26.64 -12.40
C LEU A 446 1.02 -27.97 -11.75
N GLU A 447 1.19 -28.03 -10.44
CA GLU A 447 0.90 -29.26 -9.70
C GLU A 447 -0.54 -29.75 -9.91
N LYS A 448 -1.49 -28.83 -9.96
CA LYS A 448 -2.90 -29.20 -10.13
C LYS A 448 -3.22 -29.66 -11.57
N ILE A 449 -2.66 -28.99 -12.56
CA ILE A 449 -2.84 -29.44 -13.94
C ILE A 449 -2.15 -30.79 -14.17
N THR A 450 -0.99 -31.00 -13.54
CA THR A 450 -0.26 -32.27 -13.64
C THR A 450 -1.05 -33.44 -13.04
N GLU A 451 -1.50 -33.28 -11.80
CA GLU A 451 -2.27 -34.32 -11.12
C GLU A 451 -3.56 -34.60 -11.89
N ALA A 452 -4.21 -33.53 -12.34
CA ALA A 452 -5.39 -33.67 -13.17
C ALA A 452 -5.04 -34.49 -14.41
N ASN A 453 -3.92 -34.14 -15.04
CA ASN A 453 -3.51 -34.79 -16.28
C ASN A 453 -3.27 -36.28 -16.10
N GLN A 454 -2.72 -36.65 -14.96
CA GLN A 454 -2.36 -38.03 -14.70
C GLN A 454 -3.58 -38.92 -14.47
N GLU A 455 -4.76 -38.36 -14.73
CA GLU A 455 -6.00 -39.12 -14.66
C GLU A 455 -6.87 -38.74 -15.83
N GLY A 456 -8.18 -38.91 -15.67
CA GLY A 456 -9.14 -38.58 -16.71
C GLY A 456 -8.55 -37.63 -17.73
N SER A 457 -8.67 -36.34 -17.48
CA SER A 457 -9.47 -35.80 -16.38
C SER A 457 -9.72 -34.36 -16.72
N ASP A 458 -10.94 -34.07 -17.14
CA ASP A 458 -11.29 -32.73 -17.60
C ASP A 458 -11.38 -31.77 -16.42
N MET A 459 -10.57 -30.71 -16.46
CA MET A 459 -10.54 -29.74 -15.36
C MET A 459 -11.77 -28.84 -15.34
N ARG A 460 -12.49 -28.78 -16.46
CA ARG A 460 -13.72 -27.99 -16.52
C ARG A 460 -14.80 -28.56 -15.59
N GLU A 461 -14.71 -29.85 -15.29
CA GLU A 461 -15.78 -30.53 -14.56
C GLU A 461 -15.71 -30.30 -13.06
N GLN A 462 -14.61 -29.76 -12.58
CA GLN A 462 -14.40 -29.60 -11.15
C GLN A 462 -13.36 -28.54 -10.78
N GLU A 463 -12.72 -27.95 -11.79
CA GLU A 463 -11.69 -26.96 -11.56
C GLU A 463 -11.58 -25.97 -12.71
N LYS A 464 -12.73 -25.51 -13.22
CA LYS A 464 -12.71 -24.60 -14.36
C LYS A 464 -11.98 -23.31 -14.02
N ASN A 465 -12.13 -22.86 -12.78
CA ASN A 465 -11.53 -21.63 -12.31
C ASN A 465 -10.01 -21.73 -12.23
N ILE A 466 -9.52 -22.88 -11.79
CA ILE A 466 -8.09 -23.14 -11.77
C ILE A 466 -7.54 -23.15 -13.18
N TRP A 467 -8.28 -23.77 -14.09
CA TRP A 467 -7.84 -23.93 -15.46
C TRP A 467 -7.81 -22.61 -16.21
N THR A 468 -8.86 -21.81 -16.05
CA THR A 468 -8.91 -20.54 -16.76
C THR A 468 -7.88 -19.57 -16.22
N ALA A 469 -7.63 -19.62 -14.92
CA ALA A 469 -6.59 -18.82 -14.30
C ALA A 469 -5.18 -19.20 -14.79
N SER A 470 -4.94 -20.51 -14.97
CA SER A 470 -3.67 -21.00 -15.48
C SER A 470 -3.35 -20.40 -16.84
N GLN A 471 -4.34 -20.35 -17.72
CA GLN A 471 -4.14 -19.80 -19.06
C GLN A 471 -3.91 -18.30 -19.03
N ILE A 472 -4.63 -17.60 -18.15
CA ILE A 472 -4.43 -16.17 -18.02
C ILE A 472 -3.04 -15.88 -17.50
N MET A 473 -2.63 -16.59 -16.44
CA MET A 473 -1.32 -16.38 -15.88
C MET A 473 -0.20 -16.78 -16.87
N LYS A 474 -0.41 -17.89 -17.56
CA LYS A 474 0.59 -18.37 -18.52
C LYS A 474 0.84 -17.34 -19.61
N ALA A 475 -0.23 -16.88 -20.25
CA ALA A 475 -0.12 -15.89 -21.30
C ALA A 475 0.65 -14.67 -20.84
N GLU A 476 0.42 -14.24 -19.61
CA GLU A 476 1.08 -13.03 -19.13
C GLU A 476 2.54 -13.32 -18.81
N MET A 477 2.81 -14.54 -18.39
CA MET A 477 4.19 -14.94 -18.12
C MET A 477 5.02 -15.17 -19.39
N GLU A 478 4.38 -15.61 -20.47
CA GLU A 478 5.06 -15.64 -21.77
C GLU A 478 5.56 -14.24 -22.14
N ARG A 479 4.74 -13.23 -21.90
CA ARG A 479 5.15 -11.86 -22.21
C ARG A 479 6.39 -11.47 -21.41
N TRP A 480 6.41 -11.82 -20.13
CA TRP A 480 7.54 -11.48 -19.26
C TRP A 480 8.82 -12.18 -19.73
N MET A 481 8.68 -13.41 -20.21
CA MET A 481 9.80 -14.17 -20.73
C MET A 481 10.39 -13.45 -21.95
N ASP A 482 9.55 -13.28 -22.96
CA ASP A 482 9.90 -12.52 -24.15
C ASP A 482 10.65 -11.24 -23.82
N ARG A 483 10.08 -10.44 -22.94
CA ARG A 483 10.68 -9.17 -22.56
C ARG A 483 12.10 -9.39 -22.04
N GLU A 484 12.27 -10.42 -21.22
CA GLU A 484 13.55 -10.68 -20.58
C GLU A 484 14.60 -11.11 -21.60
N LEU A 485 14.18 -11.89 -22.59
CA LEU A 485 15.10 -12.42 -23.58
C LEU A 485 15.48 -11.36 -24.61
N ARG A 486 14.84 -10.20 -24.54
CA ARG A 486 15.15 -9.09 -25.43
C ARG A 486 16.07 -8.08 -24.76
N LEU A 487 16.17 -8.14 -23.44
CA LEU A 487 16.93 -7.13 -22.72
C LEU A 487 17.36 -7.58 -21.34
N GLY A 488 17.68 -8.86 -21.21
CA GLY A 488 18.19 -9.42 -19.97
C GLY A 488 17.28 -9.24 -18.76
N PRO A 489 17.72 -9.76 -17.61
CA PRO A 489 16.99 -9.71 -16.33
C PRO A 489 17.11 -8.34 -15.69
N GLU A 490 16.89 -8.30 -14.38
CA GLU A 490 16.90 -7.03 -13.64
C GLU A 490 18.11 -6.92 -12.72
N ILE A 494 16.46 -12.94 -8.53
CA ILE A 494 16.34 -14.02 -7.56
C ILE A 494 16.06 -15.37 -8.22
N LEU A 495 15.41 -15.33 -9.39
CA LEU A 495 15.07 -16.54 -10.12
C LEU A 495 15.75 -16.47 -11.47
N PRO A 496 16.78 -17.30 -11.67
CA PRO A 496 17.58 -17.22 -12.90
C PRO A 496 16.74 -17.44 -14.15
N THR A 497 17.10 -16.75 -15.22
CA THR A 497 16.43 -16.88 -16.50
C THR A 497 16.22 -18.34 -16.86
N ASP A 498 17.22 -19.16 -16.52
CA ASP A 498 17.21 -20.58 -16.82
C ASP A 498 16.10 -21.35 -16.11
N ASP A 499 15.89 -21.08 -14.83
CA ASP A 499 14.83 -21.73 -14.06
C ASP A 499 13.46 -21.34 -14.60
N LYS A 500 13.31 -20.09 -14.99
CA LYS A 500 12.05 -19.62 -15.55
C LYS A 500 11.73 -20.43 -16.79
N ASN A 501 12.70 -20.54 -17.69
CA ASN A 501 12.46 -21.25 -18.93
C ASN A 501 12.08 -22.71 -18.68
N LYS A 502 12.70 -23.32 -17.68
CA LYS A 502 12.37 -24.69 -17.32
C LYS A 502 10.93 -24.84 -16.81
N ILE A 503 10.48 -23.87 -16.00
CA ILE A 503 9.09 -23.86 -15.54
C ILE A 503 8.11 -23.69 -16.71
N MET A 504 8.36 -22.70 -17.57
CA MET A 504 7.52 -22.47 -18.73
C MET A 504 7.39 -23.71 -19.61
N ILE A 505 8.52 -24.34 -19.92
CA ILE A 505 8.51 -25.52 -20.78
C ILE A 505 7.58 -26.57 -20.18
N SER A 506 7.76 -26.80 -18.88
CA SER A 506 6.91 -27.72 -18.13
C SER A 506 5.44 -27.29 -18.07
N VAL A 507 5.16 -25.99 -17.93
CA VAL A 507 3.78 -25.51 -17.99
C VAL A 507 3.15 -25.74 -19.36
N ARG A 508 3.85 -25.33 -20.43
CA ARG A 508 3.36 -25.55 -21.79
C ARG A 508 3.03 -27.01 -22.02
N LYS A 509 3.93 -27.89 -21.60
CA LYS A 509 3.73 -29.31 -21.78
C LYS A 509 2.41 -29.75 -21.15
N GLN A 510 2.24 -29.44 -19.87
CA GLN A 510 1.04 -29.88 -19.16
C GLN A 510 -0.23 -29.23 -19.69
N ILE A 511 -0.10 -28.00 -20.19
CA ILE A 511 -1.28 -27.32 -20.70
C ILE A 511 -1.72 -27.98 -22.00
N GLU A 512 -0.76 -28.24 -22.89
CA GLU A 512 -1.07 -28.89 -24.15
C GLU A 512 -1.63 -30.27 -23.89
N ILE A 513 -1.10 -30.95 -22.87
CA ILE A 513 -1.63 -32.27 -22.56
C ILE A 513 -3.11 -32.12 -22.20
N GLN A 514 -3.43 -31.24 -21.26
CA GLN A 514 -4.81 -31.05 -20.80
C GLN A 514 -5.79 -30.70 -21.91
N THR A 515 -5.39 -29.82 -22.82
CA THR A 515 -6.32 -29.40 -23.85
C THR A 515 -6.66 -30.55 -24.79
N LYS A 516 -5.70 -31.46 -24.98
CA LYS A 516 -5.93 -32.66 -25.77
C LYS A 516 -6.94 -33.58 -25.08
N ILE A 517 -6.90 -33.63 -23.76
CA ILE A 517 -7.95 -34.29 -23.01
C ILE A 517 -9.29 -33.57 -23.20
N GLN A 518 -9.23 -32.31 -23.68
CA GLN A 518 -10.44 -31.50 -23.87
C GLN A 518 -10.88 -31.45 -25.34
N ASN A 519 -9.94 -31.65 -26.27
CA ASN A 519 -10.28 -31.78 -27.67
C ASN A 519 -10.99 -33.10 -27.91
N ALA A 520 -10.84 -34.00 -26.94
CA ALA A 520 -11.49 -35.30 -27.00
C ALA A 520 -12.90 -35.19 -26.44
N LYS A 521 -12.99 -35.08 -25.12
CA LYS A 521 -14.28 -34.98 -24.43
C LYS A 521 -15.15 -33.85 -24.97
N ALA B 1 17.18 25.29 6.62
CA ALA B 1 18.26 24.48 7.18
C ALA B 1 19.34 24.25 6.14
N ARG B 2 20.59 24.35 6.55
CA ARG B 2 21.70 24.14 5.63
C ARG B 2 22.20 22.70 5.71
N THR B 3 22.15 22.02 4.57
CA THR B 3 22.43 20.59 4.51
C THR B 3 23.51 20.27 3.49
N GLN B 5 25.37 16.47 1.34
CA GLN B 5 25.55 15.02 1.24
C GLN B 5 26.88 14.73 0.55
N THR B 6 27.43 13.55 0.82
CA THR B 6 28.73 13.17 0.29
C THR B 6 28.70 11.77 -0.35
N LYS C 5 9.63 10.88 -1.73
CA LYS C 5 8.68 9.77 -1.72
C LYS C 5 7.24 10.28 -1.78
N ALA C 6 6.46 9.68 -2.68
CA ALA C 6 5.07 10.08 -2.94
C ALA C 6 4.11 9.70 -1.81
N ALA C 7 3.06 10.50 -1.63
CA ALA C 7 2.09 10.29 -0.55
C ALA C 7 1.17 9.07 -0.80
N ARG C 8 1.67 7.88 -0.49
CA ARG C 8 1.02 6.66 -0.92
C ARG C 8 1.39 5.45 -0.05
N SER C 10 2.95 2.41 1.55
CA SER C 10 4.36 2.03 1.42
C SER C 10 4.68 0.67 2.02
N ALA C 11 5.21 -0.23 1.20
CA ALA C 11 5.61 -1.55 1.69
C ALA C 11 7.03 -1.87 1.27
N PRO C 12 8.01 -1.52 2.12
CA PRO C 12 9.43 -1.72 1.79
C PRO C 12 9.88 -3.18 1.92
#